data_1RQE
#
_entry.id   1RQE
#
_cell.length_a   95.865
_cell.length_b   145.488
_cell.length_c   78.192
_cell.angle_alpha   90.00
_cell.angle_beta   90.00
_cell.angle_gamma   90.00
#
_symmetry.space_group_name_H-M   'C 2 2 21'
#
loop_
_entity.id
_entity.type
_entity.pdbx_description
1 polymer 'transcarboxylase 5S subunit'
2 non-polymer 'OXALOACETATE ION'
3 non-polymer 'COBALT (II) ION'
4 water water
#
_entity_poly.entity_id   1
_entity_poly.type   'polypeptide(L)'
_entity_poly.pdbx_seq_one_letter_code
;MAISRELVDPNSSPREIEVSEPREVGITELVLRDAHQSLMATRMAMEDMVGACADIDAAGYWSVECWGGATYDSCIRFLN
EDPWERLRTFRKLMPNSRLQMLLRGQNLLGYRHYNDEVVDRFVDKSAENGMDVFRVFDAMNDPRNMAHAMAAVKKAGKHA
QGTICYTISPVHTVEGYVKLAGQLLDMGADSIALKDMAALLKPQPAYDIIKAIKDTYGQKTQINLHCHSTTGVTEVSLMK
AIEAGVDVVDTAISSMSLGPGHNPTESVAEMLEGTGYTTNLDYDRLHKIRDHFKAIRPKYKKFESKTLVDTSIFKSQIPG
GMLSNMESQLRAQGAEDKMDEVMAEVPRVRKAAGFPPLVTPSSQIVGTQAVFNVMMGEYKRMTGEFADIMLGYYGASPAD
RDPKVVKLAEEQSGKKPITQRPADLLPPEWEKQSKEAATLKGFNGTDEDVLTYALFPQVAPVFFEHRAEGPHSVALTDAQ
LKAEAEGDEKSLAVAGPVTYNVNVGGTVREVTVQQATRASQPELAPEDPEDLEHHHHHH
;
_entity_poly.pdbx_strand_id   A
#
# COMPACT_ATOMS: atom_id res chain seq x y z
N PRO A 14 -1.07 32.83 -27.38
CA PRO A 14 -1.99 31.67 -27.48
C PRO A 14 -1.46 30.44 -26.73
N ARG A 15 -1.35 30.56 -25.41
CA ARG A 15 -0.85 29.48 -24.57
C ARG A 15 -1.78 28.25 -24.62
N GLU A 16 -1.21 27.06 -24.79
CA GLU A 16 -2.03 25.85 -24.88
C GLU A 16 -1.48 24.59 -24.25
N ILE A 17 -2.40 23.73 -23.81
CA ILE A 17 -2.04 22.46 -23.22
C ILE A 17 -2.62 21.32 -24.07
N GLU A 18 -1.80 20.34 -24.39
CA GLU A 18 -2.26 19.21 -25.19
C GLU A 18 -2.91 18.18 -24.28
N VAL A 19 -4.12 17.76 -24.61
CA VAL A 19 -4.81 16.77 -23.80
C VAL A 19 -5.16 15.53 -24.61
N SER A 20 -5.23 14.39 -23.94
CA SER A 20 -5.53 13.14 -24.62
C SER A 20 -6.88 13.18 -25.33
N GLU A 21 -7.03 12.35 -26.36
CA GLU A 21 -8.27 12.29 -27.13
C GLU A 21 -9.42 11.81 -26.25
N PRO A 22 -10.63 12.29 -26.52
CA PRO A 22 -11.82 11.92 -25.76
C PRO A 22 -11.83 10.42 -25.58
N ARG A 23 -12.15 9.95 -24.37
CA ARG A 23 -12.14 8.51 -24.13
C ARG A 23 -12.72 8.14 -22.78
N GLU A 24 -12.95 6.84 -22.62
CA GLU A 24 -13.49 6.28 -21.39
C GLU A 24 -12.32 6.03 -20.45
N VAL A 25 -12.45 6.52 -19.22
CA VAL A 25 -11.40 6.33 -18.20
C VAL A 25 -11.86 5.26 -17.21
N GLY A 26 -11.00 4.30 -16.92
CA GLY A 26 -11.37 3.24 -15.99
C GLY A 26 -11.24 3.64 -14.53
N ILE A 27 -12.07 3.04 -13.67
CA ILE A 27 -12.04 3.32 -12.24
C ILE A 27 -11.84 2.05 -11.41
N THR A 28 -10.97 2.14 -10.41
CA THR A 28 -10.73 1.02 -9.50
C THR A 28 -11.26 1.46 -8.15
N GLU A 29 -12.27 0.75 -7.64
CA GLU A 29 -12.87 1.06 -6.34
C GLU A 29 -12.00 0.52 -5.20
N LEU A 30 -11.73 1.36 -4.22
CA LEU A 30 -10.89 0.97 -3.09
C LEU A 30 -11.63 0.74 -1.76
N VAL A 31 -12.94 0.90 -1.75
CA VAL A 31 -13.68 0.77 -0.50
C VAL A 31 -13.42 -0.50 0.30
N LEU A 32 -13.28 -1.63 -0.39
CA LEU A 32 -13.07 -2.90 0.28
C LEU A 32 -11.68 -3.17 0.85
N ARG A 33 -10.72 -2.31 0.57
CA ARG A 33 -9.39 -2.54 1.11
C ARG A 33 -8.66 -1.29 1.60
N ASP A 34 -8.11 -0.48 0.70
CA ASP A 34 -7.36 0.69 1.12
C ASP A 34 -8.18 1.75 1.86
N ALA A 35 -9.43 1.97 1.44
CA ALA A 35 -10.26 2.97 2.10
C ALA A 35 -10.37 2.77 3.60
N HIS A 36 -10.75 1.56 4.03
CA HIS A 36 -10.90 1.36 5.47
C HIS A 36 -9.56 1.19 6.17
N GLN A 37 -8.53 0.82 5.41
CA GLN A 37 -7.20 0.71 6.00
C GLN A 37 -6.74 2.12 6.34
N SER A 38 -7.08 3.07 5.49
CA SER A 38 -6.65 4.45 5.68
C SER A 38 -7.52 5.24 6.64
N LEU A 39 -8.80 4.90 6.73
CA LEU A 39 -9.72 5.64 7.55
C LEU A 39 -10.11 5.06 8.91
N MET A 40 -10.06 3.73 9.04
CA MET A 40 -10.45 3.08 10.30
C MET A 40 -9.56 1.89 10.65
N ALA A 41 -8.25 2.09 10.49
CA ALA A 41 -7.23 1.09 10.79
C ALA A 41 -7.49 -0.36 10.34
N THR A 42 -7.97 -0.52 9.11
CA THR A 42 -8.23 -1.85 8.55
C THR A 42 -9.13 -2.72 9.43
N ARG A 43 -9.93 -2.09 10.28
CA ARG A 43 -10.82 -2.79 11.19
C ARG A 43 -12.17 -3.20 10.61
N MET A 44 -12.48 -2.75 9.39
CA MET A 44 -13.75 -3.09 8.75
C MET A 44 -14.06 -4.60 8.76
N ALA A 45 -15.14 -4.97 9.42
CA ALA A 45 -15.55 -6.36 9.53
C ALA A 45 -16.14 -6.87 8.22
N MET A 46 -15.87 -8.14 7.91
CA MET A 46 -16.39 -8.75 6.70
C MET A 46 -17.93 -8.70 6.65
N GLU A 47 -18.60 -8.87 7.79
CA GLU A 47 -20.05 -8.82 7.73
C GLU A 47 -20.58 -7.43 7.40
N ASP A 48 -19.75 -6.42 7.57
CA ASP A 48 -20.17 -5.07 7.26
C ASP A 48 -19.87 -4.73 5.81
N MET A 49 -19.24 -5.67 5.09
CA MET A 49 -18.90 -5.44 3.69
C MET A 49 -19.72 -6.23 2.66
N VAL A 50 -19.90 -7.52 2.92
CA VAL A 50 -20.58 -8.37 1.95
C VAL A 50 -21.89 -7.85 1.42
N GLY A 51 -22.66 -7.16 2.25
CA GLY A 51 -23.93 -6.63 1.79
C GLY A 51 -23.81 -5.62 0.66
N ALA A 52 -22.59 -5.26 0.28
CA ALA A 52 -22.40 -4.29 -0.79
C ALA A 52 -21.80 -4.92 -2.05
N CYS A 53 -21.33 -6.16 -1.93
CA CYS A 53 -20.71 -6.84 -3.06
C CYS A 53 -21.51 -6.92 -4.36
N ALA A 54 -22.77 -7.32 -4.29
CA ALA A 54 -23.57 -7.43 -5.50
C ALA A 54 -23.59 -6.10 -6.29
N ASP A 55 -23.80 -4.99 -5.59
CA ASP A 55 -23.83 -3.69 -6.25
C ASP A 55 -22.47 -3.27 -6.80
N ILE A 56 -21.42 -3.50 -6.01
CA ILE A 56 -20.08 -3.15 -6.43
C ILE A 56 -19.74 -3.93 -7.70
N ASP A 57 -20.20 -5.17 -7.75
CA ASP A 57 -19.95 -6.04 -8.89
C ASP A 57 -20.64 -5.56 -10.16
N ALA A 58 -21.79 -4.91 -9.98
CA ALA A 58 -22.54 -4.41 -11.13
C ALA A 58 -22.32 -2.91 -11.39
N ALA A 59 -21.43 -2.30 -10.63
CA ALA A 59 -21.16 -0.87 -10.81
C ALA A 59 -20.44 -0.53 -12.11
N GLY A 60 -19.56 -1.40 -12.58
CA GLY A 60 -18.85 -1.11 -13.82
C GLY A 60 -17.40 -0.67 -13.61
N TYR A 61 -16.83 -1.02 -12.46
CA TYR A 61 -15.45 -0.66 -12.14
C TYR A 61 -14.49 -1.47 -13.00
N TRP A 62 -13.29 -0.95 -13.22
CA TRP A 62 -12.30 -1.69 -13.99
C TRP A 62 -11.82 -2.87 -13.11
N SER A 63 -11.59 -2.59 -11.83
CA SER A 63 -11.16 -3.59 -10.87
C SER A 63 -11.68 -3.20 -9.49
N VAL A 64 -11.60 -4.14 -8.55
CA VAL A 64 -12.06 -3.92 -7.20
C VAL A 64 -10.96 -4.33 -6.21
N GLU A 65 -10.29 -3.34 -5.60
CA GLU A 65 -9.23 -3.66 -4.65
C GLU A 65 -9.94 -4.18 -3.39
N CYS A 66 -9.69 -5.43 -3.04
CA CYS A 66 -10.36 -6.03 -1.88
C CYS A 66 -9.55 -6.97 -1.03
N TRP A 67 -8.25 -7.04 -1.27
CA TRP A 67 -7.40 -7.94 -0.49
C TRP A 67 -5.99 -7.39 -0.42
N GLY A 68 -5.15 -8.01 0.42
CA GLY A 68 -3.77 -7.57 0.52
C GLY A 68 -3.55 -6.37 1.42
N GLY A 69 -2.46 -5.66 1.21
CA GLY A 69 -2.16 -4.53 2.06
C GLY A 69 -2.11 -5.02 3.49
N ALA A 70 -2.76 -4.32 4.40
CA ALA A 70 -2.77 -4.68 5.82
C ALA A 70 -3.94 -5.54 6.27
N THR A 71 -4.81 -5.91 5.33
CA THR A 71 -5.98 -6.72 5.69
C THR A 71 -5.66 -8.14 6.19
N TYR A 72 -4.57 -8.73 5.70
CA TYR A 72 -4.18 -10.07 6.12
C TYR A 72 -3.93 -10.00 7.63
N ASP A 73 -2.98 -9.16 8.01
CA ASP A 73 -2.62 -8.95 9.40
C ASP A 73 -3.87 -8.64 10.22
N SER A 74 -4.67 -7.68 9.75
CA SER A 74 -5.87 -7.31 10.49
C SER A 74 -6.81 -8.48 10.69
N CYS A 75 -7.07 -9.23 9.64
CA CYS A 75 -7.97 -10.38 9.73
C CYS A 75 -7.59 -11.35 10.84
N ILE A 76 -6.31 -11.73 10.89
CA ILE A 76 -5.88 -12.70 11.88
C ILE A 76 -5.57 -12.15 13.26
N ARG A 77 -5.12 -10.89 13.31
CA ARG A 77 -4.76 -10.31 14.58
C ARG A 77 -5.90 -9.69 15.38
N PHE A 78 -6.84 -9.03 14.70
CA PHE A 78 -7.93 -8.38 15.40
C PHE A 78 -9.31 -8.94 15.17
N LEU A 79 -9.55 -9.48 13.98
CA LEU A 79 -10.89 -9.97 13.66
C LEU A 79 -11.10 -11.47 13.76
N ASN A 80 -10.05 -12.21 14.10
CA ASN A 80 -10.16 -13.66 14.19
C ASN A 80 -10.82 -14.13 12.89
N GLU A 81 -10.32 -13.62 11.77
CA GLU A 81 -10.84 -13.96 10.46
C GLU A 81 -9.75 -14.52 9.54
N ASP A 82 -10.08 -15.54 8.75
CA ASP A 82 -9.11 -16.12 7.84
C ASP A 82 -9.16 -15.33 6.52
N PRO A 83 -8.04 -14.70 6.15
CA PRO A 83 -7.91 -13.91 4.93
C PRO A 83 -8.32 -14.71 3.69
N TRP A 84 -7.91 -15.97 3.67
CA TRP A 84 -8.24 -16.81 2.54
C TRP A 84 -9.74 -17.01 2.44
N GLU A 85 -10.42 -17.01 3.57
CA GLU A 85 -11.85 -17.17 3.52
C GLU A 85 -12.44 -15.86 3.03
N ARG A 86 -11.81 -14.75 3.40
CA ARG A 86 -12.30 -13.46 2.93
C ARG A 86 -12.11 -13.40 1.42
N LEU A 87 -10.94 -13.85 0.95
CA LEU A 87 -10.68 -13.83 -0.48
C LEU A 87 -11.69 -14.73 -1.21
N ARG A 88 -11.94 -15.92 -0.68
CA ARG A 88 -12.87 -16.83 -1.35
C ARG A 88 -14.28 -16.25 -1.41
N THR A 89 -14.70 -15.59 -0.34
CA THR A 89 -16.03 -15.01 -0.34
C THR A 89 -16.17 -13.87 -1.33
N PHE A 90 -15.20 -12.96 -1.36
CA PHE A 90 -15.30 -11.86 -2.30
C PHE A 90 -15.36 -12.40 -3.73
N ARG A 91 -14.55 -13.41 -4.02
CA ARG A 91 -14.50 -14.02 -5.34
C ARG A 91 -15.90 -14.53 -5.72
N LYS A 92 -16.58 -15.14 -4.75
CA LYS A 92 -17.90 -15.68 -4.97
C LYS A 92 -18.97 -14.60 -5.09
N LEU A 93 -18.94 -13.64 -4.18
CA LEU A 93 -19.91 -12.55 -4.19
C LEU A 93 -19.73 -11.52 -5.33
N MET A 94 -18.56 -11.47 -5.96
CA MET A 94 -18.35 -10.55 -7.07
C MET A 94 -17.70 -11.35 -8.20
N PRO A 95 -18.46 -12.30 -8.78
CA PRO A 95 -17.98 -13.17 -9.85
C PRO A 95 -17.61 -12.50 -11.17
N ASN A 96 -18.21 -11.35 -11.46
CA ASN A 96 -17.93 -10.66 -12.72
C ASN A 96 -16.78 -9.66 -12.65
N SER A 97 -16.23 -9.45 -11.47
CA SER A 97 -15.19 -8.45 -11.35
C SER A 97 -13.76 -8.86 -11.30
N ARG A 98 -12.89 -7.95 -11.73
CA ARG A 98 -11.46 -8.17 -11.67
C ARG A 98 -11.11 -7.82 -10.24
N LEU A 99 -10.77 -8.80 -9.40
CA LEU A 99 -10.40 -8.47 -8.03
C LEU A 99 -8.95 -8.02 -8.05
N GLN A 100 -8.60 -7.10 -7.15
CA GLN A 100 -7.23 -6.57 -7.11
C GLN A 100 -6.67 -6.61 -5.71
N MET A 101 -5.36 -6.71 -5.60
CA MET A 101 -4.74 -6.73 -4.27
C MET A 101 -3.45 -5.95 -4.30
N LEU A 102 -2.97 -5.59 -3.11
CA LEU A 102 -1.72 -4.87 -2.94
C LEU A 102 -0.76 -5.86 -2.32
N LEU A 103 0.38 -6.09 -2.96
CA LEU A 103 1.36 -7.06 -2.47
C LEU A 103 2.74 -6.41 -2.41
N ARG A 104 3.36 -6.38 -1.23
CA ARG A 104 4.68 -5.73 -1.12
C ARG A 104 5.87 -6.60 -1.49
N GLY A 105 5.97 -6.87 -2.79
CA GLY A 105 7.07 -7.64 -3.36
C GLY A 105 7.57 -8.84 -2.58
N GLN A 106 8.88 -8.91 -2.39
CA GLN A 106 9.51 -10.02 -1.68
C GLN A 106 9.07 -10.15 -0.23
N ASN A 107 8.38 -9.13 0.31
CA ASN A 107 7.90 -9.17 1.69
C ASN A 107 6.51 -9.77 1.71
N LEU A 108 5.95 -9.98 0.53
CA LEU A 108 4.60 -10.50 0.40
C LEU A 108 3.74 -9.60 1.31
N LEU A 109 2.96 -10.18 2.21
CA LEU A 109 2.14 -9.36 3.09
C LEU A 109 2.72 -9.50 4.49
N GLY A 110 4.00 -9.88 4.53
CA GLY A 110 4.68 -10.10 5.79
C GLY A 110 5.64 -9.04 6.29
N TYR A 111 6.46 -9.47 7.25
CA TYR A 111 7.42 -8.60 7.92
C TYR A 111 8.86 -8.68 7.41
N ARG A 112 9.17 -9.63 6.53
CA ARG A 112 10.54 -9.74 6.03
C ARG A 112 10.56 -10.27 4.61
N HIS A 113 11.68 -10.14 3.93
CA HIS A 113 11.77 -10.68 2.59
C HIS A 113 11.72 -12.20 2.78
N TYR A 114 11.22 -12.94 1.81
CA TYR A 114 11.17 -14.38 1.92
C TYR A 114 11.93 -15.03 0.78
N ASN A 115 12.25 -16.31 0.92
CA ASN A 115 12.93 -17.05 -0.13
C ASN A 115 11.91 -17.12 -1.27
N ASP A 116 12.38 -17.09 -2.51
CA ASP A 116 11.46 -17.14 -3.63
C ASP A 116 10.36 -18.19 -3.56
N GLU A 117 10.68 -19.41 -3.12
CA GLU A 117 9.67 -20.45 -3.09
C GLU A 117 8.43 -20.06 -2.32
N VAL A 118 8.57 -19.20 -1.32
CA VAL A 118 7.40 -18.77 -0.56
C VAL A 118 6.57 -17.82 -1.42
N VAL A 119 7.25 -16.91 -2.11
CA VAL A 119 6.58 -15.99 -3.01
C VAL A 119 5.78 -16.83 -4.01
N ASP A 120 6.43 -17.81 -4.63
CA ASP A 120 5.77 -18.69 -5.59
C ASP A 120 4.48 -19.27 -4.98
N ARG A 121 4.62 -19.85 -3.80
CA ARG A 121 3.49 -20.45 -3.11
C ARG A 121 2.36 -19.47 -2.82
N PHE A 122 2.71 -18.30 -2.31
CA PHE A 122 1.72 -17.31 -1.97
C PHE A 122 0.97 -16.80 -3.19
N VAL A 123 1.70 -16.41 -4.22
CA VAL A 123 1.05 -15.90 -5.42
C VAL A 123 0.14 -16.97 -5.99
N ASP A 124 0.69 -18.17 -6.17
CA ASP A 124 -0.08 -19.28 -6.73
C ASP A 124 -1.40 -19.50 -5.98
N LYS A 125 -1.34 -19.59 -4.66
CA LYS A 125 -2.55 -19.80 -3.87
C LYS A 125 -3.50 -18.60 -3.93
N SER A 126 -2.96 -17.40 -4.20
CA SER A 126 -3.77 -16.20 -4.31
C SER A 126 -4.58 -16.21 -5.62
N ALA A 127 -3.94 -16.67 -6.69
CA ALA A 127 -4.60 -16.74 -8.00
C ALA A 127 -5.61 -17.85 -7.96
N GLU A 128 -5.20 -18.96 -7.36
CA GLU A 128 -6.02 -20.14 -7.22
C GLU A 128 -7.33 -19.80 -6.50
N ASN A 129 -7.28 -18.92 -5.52
CA ASN A 129 -8.48 -18.55 -4.79
C ASN A 129 -9.26 -17.36 -5.40
N GLY A 130 -8.84 -16.89 -6.57
CA GLY A 130 -9.58 -15.82 -7.23
C GLY A 130 -9.00 -14.44 -7.50
N MET A 131 -7.77 -14.18 -7.04
CA MET A 131 -7.16 -12.87 -7.25
C MET A 131 -6.79 -12.70 -8.72
N ASP A 132 -7.18 -11.58 -9.33
CA ASP A 132 -6.91 -11.32 -10.75
C ASP A 132 -5.81 -10.33 -11.05
N VAL A 133 -5.81 -9.23 -10.31
CA VAL A 133 -4.81 -8.19 -10.52
C VAL A 133 -3.87 -8.03 -9.32
N PHE A 134 -2.58 -8.22 -9.55
CA PHE A 134 -1.61 -8.09 -8.47
C PHE A 134 -0.77 -6.82 -8.55
N ARG A 135 -1.08 -5.83 -7.72
CA ARG A 135 -0.27 -4.63 -7.72
C ARG A 135 0.92 -4.93 -6.83
N VAL A 136 2.07 -5.18 -7.45
CA VAL A 136 3.29 -5.52 -6.73
C VAL A 136 4.12 -4.25 -6.57
N PHE A 137 4.63 -4.01 -5.36
CA PHE A 137 5.45 -2.81 -5.14
C PHE A 137 6.50 -3.10 -4.09
N ASP A 138 7.52 -2.24 -4.06
CA ASP A 138 8.59 -2.36 -3.07
C ASP A 138 8.78 -0.99 -2.43
N ALA A 139 8.80 -0.94 -1.10
CA ALA A 139 8.93 0.31 -0.36
C ALA A 139 10.17 1.14 -0.69
N MET A 140 11.23 0.49 -1.16
CA MET A 140 12.46 1.18 -1.53
C MET A 140 12.46 1.55 -3.01
N ASN A 141 11.52 0.94 -3.75
CA ASN A 141 11.41 1.13 -5.19
C ASN A 141 12.52 0.37 -5.92
N ASP A 142 13.03 -0.68 -5.30
CA ASP A 142 14.06 -1.51 -5.91
C ASP A 142 13.29 -2.55 -6.73
N PRO A 143 13.32 -2.45 -8.06
CA PRO A 143 12.63 -3.38 -8.95
C PRO A 143 13.01 -4.84 -8.74
N ARG A 144 14.22 -5.09 -8.22
CA ARG A 144 14.65 -6.46 -8.00
C ARG A 144 13.75 -7.13 -6.97
N ASN A 145 13.36 -6.38 -5.94
CA ASN A 145 12.47 -6.92 -4.91
C ASN A 145 11.10 -7.20 -5.49
N MET A 146 10.80 -6.67 -6.67
CA MET A 146 9.49 -6.89 -7.28
C MET A 146 9.51 -7.98 -8.34
N ALA A 147 10.69 -8.15 -8.92
CA ALA A 147 10.94 -9.10 -10.00
C ALA A 147 10.36 -10.51 -9.85
N HIS A 148 10.61 -11.18 -8.75
CA HIS A 148 10.11 -12.55 -8.64
C HIS A 148 8.61 -12.66 -8.49
N ALA A 149 8.03 -11.78 -7.67
CA ALA A 149 6.58 -11.76 -7.45
C ALA A 149 5.92 -11.56 -8.80
N MET A 150 6.43 -10.57 -9.54
CA MET A 150 5.90 -10.28 -10.87
C MET A 150 5.85 -11.54 -11.72
N ALA A 151 7.00 -12.17 -11.92
CA ALA A 151 7.11 -13.39 -12.72
C ALA A 151 6.12 -14.44 -12.25
N ALA A 152 6.02 -14.56 -10.94
CA ALA A 152 5.11 -15.52 -10.34
C ALA A 152 3.68 -15.22 -10.79
N VAL A 153 3.32 -13.93 -10.82
CA VAL A 153 1.99 -13.53 -11.25
C VAL A 153 1.75 -13.88 -12.72
N LYS A 154 2.76 -13.65 -13.55
CA LYS A 154 2.65 -13.99 -14.97
C LYS A 154 2.45 -15.50 -15.12
N LYS A 155 3.22 -16.30 -14.38
CA LYS A 155 3.11 -17.75 -14.44
C LYS A 155 1.69 -18.22 -14.11
N ALA A 156 1.05 -17.55 -13.15
CA ALA A 156 -0.32 -17.91 -12.77
C ALA A 156 -1.27 -17.36 -13.83
N GLY A 157 -0.71 -16.72 -14.85
CA GLY A 157 -1.51 -16.15 -15.91
C GLY A 157 -2.42 -15.03 -15.46
N LYS A 158 -1.96 -14.26 -14.47
CA LYS A 158 -2.75 -13.14 -13.95
C LYS A 158 -2.13 -11.81 -14.36
N HIS A 159 -2.81 -10.71 -14.05
CA HIS A 159 -2.35 -9.37 -14.42
C HIS A 159 -1.28 -8.89 -13.43
N ALA A 160 -0.08 -8.62 -13.92
CA ALA A 160 0.99 -8.15 -13.04
C ALA A 160 1.12 -6.64 -13.16
N GLN A 161 0.89 -5.92 -12.07
CA GLN A 161 0.97 -4.46 -12.11
C GLN A 161 2.19 -3.99 -11.34
N GLY A 162 3.21 -3.54 -12.08
CA GLY A 162 4.41 -3.04 -11.44
C GLY A 162 4.10 -1.69 -10.79
N THR A 163 4.59 -1.49 -9.58
CA THR A 163 4.32 -0.26 -8.86
C THR A 163 5.52 0.68 -8.68
N ILE A 164 5.25 1.98 -8.82
CA ILE A 164 6.25 3.02 -8.60
C ILE A 164 5.74 3.82 -7.41
N CYS A 165 6.41 3.79 -6.27
CA CYS A 165 5.95 4.57 -5.14
C CYS A 165 6.38 6.02 -5.38
N TYR A 166 5.42 6.91 -5.57
CA TYR A 166 5.74 8.33 -5.80
C TYR A 166 6.23 9.00 -4.52
N THR A 167 7.12 9.97 -4.68
CA THR A 167 7.64 10.70 -3.53
C THR A 167 8.33 11.93 -4.08
N ILE A 168 8.71 12.83 -3.18
CA ILE A 168 9.42 14.05 -3.56
C ILE A 168 10.76 14.04 -2.83
N SER A 169 11.84 14.29 -3.55
CA SER A 169 13.17 14.30 -2.97
C SER A 169 14.11 14.81 -4.03
N PRO A 170 15.32 15.22 -3.63
CA PRO A 170 16.32 15.74 -4.57
C PRO A 170 16.74 14.75 -5.66
N VAL A 171 16.48 13.48 -5.44
CA VAL A 171 16.89 12.49 -6.41
C VAL A 171 15.75 11.97 -7.25
N HIS A 172 14.54 12.39 -6.92
CA HIS A 172 13.39 11.95 -7.69
C HIS A 172 13.01 12.96 -8.73
N THR A 173 12.96 12.48 -9.96
CA THR A 173 12.68 13.29 -11.13
C THR A 173 11.78 12.55 -12.09
N VAL A 174 11.23 13.30 -13.04
CA VAL A 174 10.36 12.74 -14.06
C VAL A 174 11.16 11.66 -14.78
N GLU A 175 12.41 11.97 -15.12
CA GLU A 175 13.25 11.01 -15.81
C GLU A 175 13.44 9.75 -14.98
N GLY A 176 13.69 9.92 -13.69
CA GLY A 176 13.90 8.76 -12.84
C GLY A 176 12.71 7.82 -12.82
N TYR A 177 11.51 8.38 -12.89
CA TYR A 177 10.31 7.58 -12.87
C TYR A 177 10.08 6.89 -14.21
N VAL A 178 10.42 7.56 -15.31
CA VAL A 178 10.27 6.98 -16.64
C VAL A 178 11.17 5.75 -16.74
N LYS A 179 12.34 5.84 -16.12
CA LYS A 179 13.31 4.76 -16.12
C LYS A 179 12.78 3.56 -15.33
N LEU A 180 12.25 3.85 -14.15
CA LEU A 180 11.72 2.81 -13.29
C LEU A 180 10.57 2.10 -14.02
N ALA A 181 9.77 2.88 -14.74
CA ALA A 181 8.65 2.34 -15.49
C ALA A 181 9.19 1.35 -16.51
N GLY A 182 10.27 1.75 -17.18
CA GLY A 182 10.88 0.89 -18.17
C GLY A 182 11.34 -0.41 -17.55
N GLN A 183 11.93 -0.30 -16.37
CA GLN A 183 12.40 -1.49 -15.69
C GLN A 183 11.19 -2.36 -15.39
N LEU A 184 10.09 -1.76 -14.95
CA LEU A 184 8.91 -2.56 -14.65
C LEU A 184 8.40 -3.28 -15.88
N LEU A 185 8.29 -2.57 -16.99
CA LEU A 185 7.83 -3.19 -18.22
C LEU A 185 8.80 -4.30 -18.65
N ASP A 186 10.09 -4.05 -18.44
CA ASP A 186 11.11 -5.02 -18.82
C ASP A 186 10.96 -6.36 -18.10
N MET A 187 10.34 -6.35 -16.93
CA MET A 187 10.15 -7.61 -16.21
C MET A 187 8.73 -8.16 -16.39
N GLY A 188 8.13 -7.83 -17.53
CA GLY A 188 6.79 -8.31 -17.84
C GLY A 188 5.57 -7.61 -17.27
N ALA A 189 5.72 -6.40 -16.75
CA ALA A 189 4.57 -5.71 -16.18
C ALA A 189 3.46 -5.59 -17.20
N ASP A 190 2.25 -5.98 -16.79
CA ASP A 190 1.09 -5.90 -17.65
C ASP A 190 0.56 -4.48 -17.59
N SER A 191 1.07 -3.71 -16.62
CA SER A 191 0.66 -2.33 -16.45
C SER A 191 1.48 -1.68 -15.33
N ILE A 192 1.52 -0.36 -15.33
CA ILE A 192 2.26 0.40 -14.34
C ILE A 192 1.35 1.17 -13.41
N ALA A 193 1.57 1.04 -12.11
CA ALA A 193 0.78 1.77 -11.12
C ALA A 193 1.62 2.87 -10.48
N LEU A 194 1.16 4.11 -10.55
CA LEU A 194 1.88 5.19 -9.90
C LEU A 194 1.17 5.35 -8.57
N LYS A 195 1.82 4.93 -7.48
CA LYS A 195 1.24 4.97 -6.15
C LYS A 195 1.69 6.13 -5.28
N ASP A 196 0.75 7.01 -4.95
CA ASP A 196 1.01 8.18 -4.15
C ASP A 196 0.28 8.05 -2.82
N MET A 197 0.86 7.25 -1.93
CA MET A 197 0.28 6.99 -0.61
C MET A 197 0.19 8.24 0.28
N ALA A 198 1.12 9.17 0.11
CA ALA A 198 1.11 10.36 0.96
C ALA A 198 0.41 11.56 0.34
N ALA A 199 -0.17 11.40 -0.84
CA ALA A 199 -0.86 12.49 -1.53
C ALA A 199 0.14 13.61 -1.88
N LEU A 200 1.34 13.20 -2.24
CA LEU A 200 2.41 14.12 -2.61
C LEU A 200 2.39 14.53 -4.08
N LEU A 201 1.58 13.84 -4.88
CA LEU A 201 1.53 14.12 -6.32
C LEU A 201 0.73 15.35 -6.65
N LYS A 202 1.42 16.37 -7.16
CA LYS A 202 0.74 17.59 -7.54
C LYS A 202 0.25 17.46 -8.98
N PRO A 203 -0.66 18.35 -9.39
CA PRO A 203 -1.24 18.37 -10.74
C PRO A 203 -0.24 18.39 -11.90
N GLN A 204 0.65 19.37 -11.93
CA GLN A 204 1.60 19.45 -13.03
C GLN A 204 2.45 18.18 -13.12
N PRO A 205 3.08 17.79 -11.99
CA PRO A 205 3.91 16.57 -11.97
C PRO A 205 3.14 15.35 -12.44
N ALA A 206 1.86 15.29 -12.11
CA ALA A 206 1.03 14.16 -12.51
C ALA A 206 0.93 14.13 -14.02
N TYR A 207 0.70 15.28 -14.61
CA TYR A 207 0.60 15.41 -16.04
C TYR A 207 1.93 15.07 -16.74
N ASP A 208 3.03 15.65 -16.25
CA ASP A 208 4.34 15.43 -16.86
C ASP A 208 4.80 13.98 -16.80
N ILE A 209 4.68 13.37 -15.63
CA ILE A 209 5.11 11.98 -15.48
C ILE A 209 4.24 11.07 -16.34
N ILE A 210 2.92 11.19 -16.19
CA ILE A 210 2.00 10.35 -16.96
C ILE A 210 2.30 10.48 -18.46
N LYS A 211 2.43 11.72 -18.94
CA LYS A 211 2.73 11.92 -20.34
C LYS A 211 4.14 11.44 -20.71
N ALA A 212 5.12 11.71 -19.84
CA ALA A 212 6.47 11.26 -20.13
C ALA A 212 6.52 9.75 -20.42
N ILE A 213 5.81 8.98 -19.60
CA ILE A 213 5.80 7.53 -19.77
C ILE A 213 5.07 7.14 -21.06
N LYS A 214 3.98 7.82 -21.36
CA LYS A 214 3.22 7.52 -22.56
C LYS A 214 4.04 7.84 -23.81
N ASP A 215 4.66 9.01 -23.80
CA ASP A 215 5.48 9.44 -24.94
C ASP A 215 6.68 8.54 -25.13
N THR A 216 7.18 7.97 -24.03
CA THR A 216 8.35 7.13 -24.10
C THR A 216 8.14 5.66 -24.42
N TYR A 217 7.12 5.03 -23.85
CA TYR A 217 6.89 3.63 -24.11
C TYR A 217 5.68 3.36 -24.97
N GLY A 218 4.87 4.39 -25.19
CA GLY A 218 3.70 4.22 -26.03
C GLY A 218 2.35 4.36 -25.33
N GLN A 219 1.34 4.74 -26.11
CA GLN A 219 -0.01 4.90 -25.59
C GLN A 219 -0.57 3.58 -25.07
N LYS A 220 -0.15 2.47 -25.66
CA LYS A 220 -0.61 1.16 -25.25
C LYS A 220 -0.22 0.87 -23.79
N THR A 221 0.82 1.54 -23.31
CA THR A 221 1.29 1.37 -21.93
C THR A 221 0.19 1.76 -20.94
N GLN A 222 -0.33 0.77 -20.21
CA GLN A 222 -1.40 1.00 -19.23
C GLN A 222 -0.88 1.52 -17.90
N ILE A 223 -1.40 2.67 -17.49
CA ILE A 223 -0.99 3.29 -16.24
C ILE A 223 -2.19 3.48 -15.32
N ASN A 224 -2.05 3.08 -14.06
CA ASN A 224 -3.12 3.23 -13.09
C ASN A 224 -2.59 4.15 -12.00
N LEU A 225 -3.34 5.22 -11.71
CA LEU A 225 -2.95 6.18 -10.70
C LEU A 225 -3.70 6.02 -9.38
N HIS A 226 -2.95 5.84 -8.29
CA HIS A 226 -3.50 5.65 -6.94
C HIS A 226 -3.08 6.83 -6.04
N CYS A 227 -3.97 7.80 -5.88
CA CYS A 227 -3.65 8.94 -5.04
C CYS A 227 -4.52 9.03 -3.81
N HIS A 228 -3.91 9.28 -2.67
CA HIS A 228 -4.67 9.46 -1.45
C HIS A 228 -5.04 10.96 -1.48
N SER A 229 -5.97 11.37 -0.62
CA SER A 229 -6.42 12.75 -0.57
C SER A 229 -5.93 13.49 0.67
N THR A 230 -4.90 12.96 1.30
CA THR A 230 -4.36 13.53 2.53
C THR A 230 -4.05 15.03 2.48
N THR A 231 -3.50 15.48 1.37
CA THR A 231 -3.10 16.87 1.19
C THR A 231 -4.15 17.79 0.53
N GLY A 232 -5.22 17.18 0.03
CA GLY A 232 -6.28 17.96 -0.59
C GLY A 232 -6.09 18.42 -2.02
N VAL A 233 -4.98 18.04 -2.66
CA VAL A 233 -4.70 18.46 -4.04
C VAL A 233 -4.79 17.35 -5.09
N THR A 234 -4.93 16.11 -4.66
CA THR A 234 -4.92 15.00 -5.61
C THR A 234 -6.08 14.82 -6.57
N GLU A 235 -7.26 15.35 -6.25
CA GLU A 235 -8.33 15.17 -7.20
C GLU A 235 -8.03 16.03 -8.44
N VAL A 236 -7.34 17.14 -8.24
CA VAL A 236 -7.01 17.99 -9.38
C VAL A 236 -5.92 17.27 -10.15
N SER A 237 -5.08 16.51 -9.45
CA SER A 237 -4.01 15.74 -10.09
C SER A 237 -4.61 14.62 -10.95
N LEU A 238 -5.72 14.05 -10.50
CA LEU A 238 -6.38 13.00 -11.27
C LEU A 238 -6.81 13.60 -12.59
N MET A 239 -7.44 14.78 -12.55
CA MET A 239 -7.87 15.41 -13.79
C MET A 239 -6.66 15.59 -14.73
N LYS A 240 -5.58 16.17 -14.21
CA LYS A 240 -4.42 16.38 -15.06
C LYS A 240 -3.88 15.06 -15.58
N ALA A 241 -3.91 14.02 -14.75
CA ALA A 241 -3.42 12.72 -15.19
C ALA A 241 -4.32 12.22 -16.32
N ILE A 242 -5.62 12.43 -16.19
CA ILE A 242 -6.53 12.01 -17.25
C ILE A 242 -6.29 12.79 -18.54
N GLU A 243 -5.90 14.05 -18.43
CA GLU A 243 -5.62 14.84 -19.62
C GLU A 243 -4.30 14.35 -20.24
N ALA A 244 -3.42 13.82 -19.39
CA ALA A 244 -2.13 13.32 -19.85
C ALA A 244 -2.30 11.94 -20.44
N GLY A 245 -3.52 11.42 -20.36
CA GLY A 245 -3.82 10.11 -20.91
C GLY A 245 -3.81 8.92 -19.96
N VAL A 246 -3.97 9.13 -18.67
CA VAL A 246 -3.98 8.01 -17.73
C VAL A 246 -5.15 7.05 -17.99
N ASP A 247 -4.89 5.75 -17.86
CA ASP A 247 -5.88 4.73 -18.15
C ASP A 247 -6.88 4.42 -17.06
N VAL A 248 -6.40 4.37 -15.82
CA VAL A 248 -7.26 4.06 -14.71
C VAL A 248 -6.83 4.84 -13.48
N VAL A 249 -7.82 5.30 -12.72
CA VAL A 249 -7.56 6.02 -11.47
C VAL A 249 -8.34 5.32 -10.35
N ASP A 250 -7.77 5.31 -9.14
CA ASP A 250 -8.42 4.67 -8.00
C ASP A 250 -9.24 5.67 -7.15
N THR A 251 -10.39 5.23 -6.66
CA THR A 251 -11.21 6.08 -5.83
C THR A 251 -11.88 5.27 -4.73
N ALA A 252 -12.56 5.98 -3.84
CA ALA A 252 -13.29 5.36 -2.73
C ALA A 252 -14.71 5.90 -2.78
N ILE A 253 -15.70 5.02 -2.62
CA ILE A 253 -17.11 5.44 -2.64
C ILE A 253 -17.25 6.63 -1.68
N SER A 254 -18.00 7.65 -2.09
CA SER A 254 -18.14 8.88 -1.29
C SER A 254 -18.28 8.83 0.24
N SER A 255 -19.04 7.88 0.78
CA SER A 255 -19.23 7.80 2.22
C SER A 255 -18.01 7.22 2.94
N MET A 256 -17.01 6.82 2.18
CA MET A 256 -15.78 6.26 2.73
C MET A 256 -14.59 6.95 2.08
N SER A 257 -14.65 8.27 1.96
CA SER A 257 -13.59 9.02 1.29
C SER A 257 -13.02 10.21 2.03
N LEU A 258 -11.98 10.79 1.42
CA LEU A 258 -11.28 11.97 1.90
C LEU A 258 -10.39 11.71 3.10
N GLY A 259 -9.86 12.80 3.68
CA GLY A 259 -8.98 12.65 4.81
C GLY A 259 -7.76 11.89 4.29
N PRO A 260 -7.21 10.94 5.07
CA PRO A 260 -6.03 10.14 4.70
C PRO A 260 -6.47 9.06 3.75
N GLY A 261 -7.75 9.10 3.40
CA GLY A 261 -8.31 8.14 2.47
C GLY A 261 -8.05 8.56 1.04
N HIS A 262 -9.09 8.51 0.22
CA HIS A 262 -8.94 8.82 -1.20
C HIS A 262 -10.01 9.76 -1.76
N ASN A 263 -9.87 10.14 -3.02
CA ASN A 263 -10.87 11.01 -3.64
C ASN A 263 -12.13 10.17 -3.86
N PRO A 264 -13.30 10.82 -3.84
CA PRO A 264 -14.61 10.16 -4.00
C PRO A 264 -14.91 9.66 -5.41
N THR A 265 -15.27 8.38 -5.48
CA THR A 265 -15.60 7.75 -6.75
C THR A 265 -16.64 8.61 -7.49
N GLU A 266 -17.80 8.81 -6.87
CA GLU A 266 -18.87 9.61 -7.48
C GLU A 266 -18.40 10.97 -7.97
N SER A 267 -17.60 11.66 -7.15
CA SER A 267 -17.06 12.96 -7.51
C SER A 267 -16.20 12.89 -8.78
N VAL A 268 -15.31 11.90 -8.84
CA VAL A 268 -14.43 11.73 -9.99
C VAL A 268 -15.24 11.42 -11.24
N ALA A 269 -16.31 10.67 -11.07
CA ALA A 269 -17.19 10.33 -12.18
C ALA A 269 -17.97 11.55 -12.64
N GLU A 270 -18.50 12.31 -11.68
CA GLU A 270 -19.30 13.50 -12.00
C GLU A 270 -18.51 14.68 -12.57
N MET A 271 -17.28 14.87 -12.12
CA MET A 271 -16.47 16.00 -12.57
C MET A 271 -16.09 15.99 -14.04
N LEU A 272 -16.22 14.82 -14.69
CA LEU A 272 -15.86 14.69 -16.11
C LEU A 272 -16.90 15.14 -17.14
N GLU A 273 -18.15 15.29 -16.71
CA GLU A 273 -19.19 15.67 -17.66
C GLU A 273 -18.81 16.83 -18.56
N GLY A 274 -18.89 16.59 -19.87
CA GLY A 274 -18.59 17.61 -20.88
C GLY A 274 -17.13 17.80 -21.25
N THR A 275 -16.24 17.07 -20.59
CA THR A 275 -14.81 17.21 -20.86
C THR A 275 -14.38 16.38 -22.05
N GLY A 276 -15.23 15.43 -22.43
CA GLY A 276 -14.89 14.55 -23.53
C GLY A 276 -14.52 13.22 -22.91
N TYR A 277 -14.12 13.26 -21.64
CA TYR A 277 -13.78 12.03 -20.93
C TYR A 277 -15.01 11.57 -20.18
N THR A 278 -15.09 10.28 -19.90
CA THR A 278 -16.23 9.73 -19.19
C THR A 278 -15.77 8.42 -18.51
N THR A 279 -16.53 7.93 -17.55
CA THR A 279 -16.17 6.72 -16.79
C THR A 279 -17.00 5.47 -17.05
N ASN A 280 -18.31 5.68 -17.13
CA ASN A 280 -19.27 4.61 -17.34
C ASN A 280 -19.46 3.72 -16.11
N LEU A 281 -19.91 4.34 -15.03
CA LEU A 281 -20.20 3.62 -13.82
C LEU A 281 -21.69 3.82 -13.67
N ASP A 282 -22.39 2.81 -13.13
CA ASP A 282 -23.83 2.88 -12.94
C ASP A 282 -24.06 3.74 -11.71
N TYR A 283 -24.56 4.95 -11.91
CA TYR A 283 -24.79 5.86 -10.79
C TYR A 283 -25.73 5.36 -9.69
N ASP A 284 -26.78 4.64 -10.07
CA ASP A 284 -27.69 4.12 -9.07
C ASP A 284 -27.00 3.06 -8.23
N ARG A 285 -26.13 2.26 -8.86
CA ARG A 285 -25.40 1.24 -8.11
C ARG A 285 -24.46 1.95 -7.16
N LEU A 286 -23.76 2.96 -7.66
CA LEU A 286 -22.85 3.72 -6.81
C LEU A 286 -23.59 4.27 -5.60
N HIS A 287 -24.83 4.70 -5.82
CA HIS A 287 -25.65 5.25 -4.75
C HIS A 287 -25.97 4.24 -3.65
N LYS A 288 -26.16 2.99 -4.02
CA LYS A 288 -26.47 1.96 -3.04
C LYS A 288 -25.21 1.63 -2.24
N ILE A 289 -24.10 1.52 -2.95
CA ILE A 289 -22.82 1.22 -2.31
C ILE A 289 -22.55 2.31 -1.29
N ARG A 290 -22.79 3.56 -1.71
CA ARG A 290 -22.57 4.70 -0.85
C ARG A 290 -23.43 4.68 0.41
N ASP A 291 -24.74 4.45 0.24
CA ASP A 291 -25.64 4.41 1.38
C ASP A 291 -25.30 3.25 2.30
N HIS A 292 -24.97 2.12 1.70
CA HIS A 292 -24.62 0.97 2.48
C HIS A 292 -23.56 1.36 3.49
N PHE A 293 -22.50 2.00 3.03
CA PHE A 293 -21.42 2.37 3.93
C PHE A 293 -21.68 3.59 4.81
N LYS A 294 -22.59 4.46 4.40
CA LYS A 294 -22.91 5.61 5.23
C LYS A 294 -23.59 5.11 6.52
N ALA A 295 -24.33 4.03 6.40
CA ALA A 295 -25.03 3.46 7.55
C ALA A 295 -24.07 2.74 8.47
N ILE A 296 -23.13 2.03 7.87
CA ILE A 296 -22.16 1.26 8.61
C ILE A 296 -21.02 2.06 9.24
N ARG A 297 -20.48 3.03 8.50
CA ARG A 297 -19.33 3.77 9.00
C ARG A 297 -19.33 4.34 10.41
N PRO A 298 -20.47 4.84 10.89
CA PRO A 298 -20.47 5.41 12.25
C PRO A 298 -19.97 4.43 13.34
N LYS A 299 -20.24 3.15 13.14
CA LYS A 299 -19.84 2.11 14.09
C LYS A 299 -18.34 2.02 14.34
N TYR A 300 -17.56 2.61 13.44
CA TYR A 300 -16.11 2.56 13.55
C TYR A 300 -15.50 3.85 14.06
N LYS A 301 -16.33 4.73 14.63
CA LYS A 301 -15.82 6.01 15.10
C LYS A 301 -14.58 5.94 16.00
N LYS A 302 -14.42 4.86 16.77
CA LYS A 302 -13.25 4.73 17.63
C LYS A 302 -11.94 4.59 16.87
N PHE A 303 -12.00 4.46 15.54
CA PHE A 303 -10.77 4.29 14.78
C PHE A 303 -10.52 5.36 13.73
N GLU A 304 -11.35 6.39 13.70
CA GLU A 304 -11.18 7.45 12.72
C GLU A 304 -9.99 8.35 13.05
N SER A 305 -9.44 8.98 12.01
CA SER A 305 -8.33 9.92 12.16
C SER A 305 -9.07 11.21 12.41
N LYS A 306 -8.40 12.21 12.95
CA LYS A 306 -9.08 13.46 13.23
C LYS A 306 -8.66 14.63 12.34
N THR A 307 -8.13 14.32 11.16
CA THR A 307 -7.71 15.37 10.23
C THR A 307 -8.15 15.04 8.82
N LEU A 308 -8.70 16.05 8.13
CA LEU A 308 -9.19 15.91 6.77
C LEU A 308 -8.21 16.39 5.73
N VAL A 309 -7.51 17.46 6.03
CA VAL A 309 -6.58 18.05 5.08
C VAL A 309 -5.31 18.50 5.77
N ASP A 310 -4.17 18.05 5.25
CA ASP A 310 -2.90 18.42 5.81
C ASP A 310 -1.89 18.57 4.68
N THR A 311 -1.39 19.79 4.50
CA THR A 311 -0.43 20.09 3.45
C THR A 311 0.99 20.22 4.01
N SER A 312 1.11 20.09 5.32
CA SER A 312 2.40 20.24 5.98
C SER A 312 3.51 19.40 5.33
N ILE A 313 3.18 18.19 4.92
CA ILE A 313 4.16 17.30 4.31
C ILE A 313 4.91 17.94 3.13
N PHE A 314 4.27 18.88 2.43
CA PHE A 314 4.97 19.52 1.31
C PHE A 314 6.20 20.29 1.77
N LYS A 315 6.19 20.77 3.00
CA LYS A 315 7.34 21.49 3.54
C LYS A 315 8.22 20.57 4.41
N SER A 316 7.58 19.83 5.30
CA SER A 316 8.30 18.92 6.20
C SER A 316 8.77 17.64 5.54
N GLN A 317 8.09 17.24 4.47
CA GLN A 317 8.49 16.03 3.78
C GLN A 317 8.18 14.82 4.72
N ILE A 318 7.47 15.09 5.81
CA ILE A 318 7.10 14.05 6.79
C ILE A 318 5.59 13.74 6.82
N PRO A 319 5.22 12.47 6.56
CA PRO A 319 3.81 12.07 6.56
C PRO A 319 3.28 12.05 8.00
N GLY A 320 1.98 12.27 8.17
CA GLY A 320 1.39 12.28 9.51
C GLY A 320 1.54 10.97 10.27
N GLY A 321 1.18 9.86 9.62
CA GLY A 321 1.28 8.56 10.28
C GLY A 321 2.68 8.29 10.82
N MET A 322 3.65 9.03 10.29
CA MET A 322 5.04 8.90 10.71
C MET A 322 5.25 9.94 11.80
N LEU A 323 4.63 11.09 11.61
CA LEU A 323 4.73 12.20 12.54
C LEU A 323 4.19 11.86 13.92
N SER A 324 2.95 11.38 13.98
CA SER A 324 2.35 11.04 15.26
C SER A 324 3.16 9.97 15.98
N ASN A 325 3.63 8.98 15.23
CA ASN A 325 4.41 7.90 15.82
C ASN A 325 5.68 8.41 16.51
N MET A 326 6.44 9.27 15.83
CA MET A 326 7.65 9.80 16.43
C MET A 326 7.30 10.61 17.66
N GLU A 327 6.12 11.20 17.65
CA GLU A 327 5.68 12.00 18.79
C GLU A 327 5.42 11.14 20.01
N SER A 328 4.77 10.01 19.78
CA SER A 328 4.44 9.09 20.86
C SER A 328 5.72 8.55 21.51
N GLN A 329 6.83 8.62 20.78
CA GLN A 329 8.10 8.15 21.30
C GLN A 329 8.67 9.18 22.26
N LEU A 330 8.75 10.43 21.80
CA LEU A 330 9.29 11.52 22.62
C LEU A 330 8.37 11.83 23.80
N ARG A 331 7.07 11.68 23.57
CA ARG A 331 6.06 11.93 24.58
C ARG A 331 6.20 10.87 25.68
N ALA A 332 6.23 9.60 25.28
CA ALA A 332 6.37 8.49 26.21
C ALA A 332 7.84 8.34 26.62
N GLN A 333 8.56 9.46 26.59
CA GLN A 333 9.98 9.49 26.97
C GLN A 333 10.34 10.88 27.48
N GLY A 334 9.31 11.68 27.73
CA GLY A 334 9.52 13.02 28.26
C GLY A 334 10.10 14.06 27.33
N ALA A 335 10.98 13.66 26.43
CA ALA A 335 11.59 14.61 25.51
C ALA A 335 10.65 15.01 24.36
N GLU A 336 9.40 15.32 24.72
CA GLU A 336 8.39 15.71 23.76
C GLU A 336 8.61 17.16 23.29
N ASP A 337 9.53 17.85 23.92
CA ASP A 337 9.85 19.22 23.56
C ASP A 337 10.72 19.25 22.31
N LYS A 338 11.67 18.33 22.27
CA LYS A 338 12.61 18.23 21.16
C LYS A 338 11.99 17.80 19.82
N MET A 339 10.67 17.75 19.76
CA MET A 339 9.96 17.36 18.54
C MET A 339 10.38 18.20 17.33
N ASP A 340 10.94 19.36 17.60
CA ASP A 340 11.39 20.25 16.55
C ASP A 340 12.78 19.85 16.07
N GLU A 341 13.55 19.21 16.94
CA GLU A 341 14.89 18.76 16.59
C GLU A 341 14.79 17.48 15.76
N VAL A 342 13.78 16.68 16.06
CA VAL A 342 13.54 15.43 15.35
C VAL A 342 13.06 15.78 13.96
N MET A 343 12.21 16.80 13.89
CA MET A 343 11.62 17.31 12.65
C MET A 343 12.73 17.70 11.68
N ALA A 344 13.82 18.22 12.22
CA ALA A 344 14.95 18.63 11.41
C ALA A 344 15.88 17.47 11.12
N GLU A 345 15.90 16.47 11.99
CA GLU A 345 16.78 15.31 11.83
C GLU A 345 16.31 14.32 10.76
N VAL A 346 14.99 14.14 10.63
CA VAL A 346 14.41 13.22 9.65
C VAL A 346 14.98 13.36 8.24
N PRO A 347 15.03 14.60 7.73
CA PRO A 347 15.57 14.81 6.38
C PRO A 347 16.97 14.25 6.28
N ARG A 348 17.79 14.57 7.28
CA ARG A 348 19.17 14.13 7.29
C ARG A 348 19.28 12.60 7.29
N VAL A 349 18.47 11.94 8.11
CA VAL A 349 18.50 10.49 8.16
C VAL A 349 18.07 9.92 6.81
N ARG A 350 16.97 10.45 6.27
CA ARG A 350 16.49 9.96 4.97
C ARG A 350 17.60 10.06 3.93
N LYS A 351 18.22 11.23 3.84
CA LYS A 351 19.30 11.42 2.87
C LYS A 351 20.37 10.35 3.07
N ALA A 352 20.78 10.14 4.32
CA ALA A 352 21.79 9.16 4.65
C ALA A 352 21.40 7.79 4.12
N ALA A 353 20.10 7.52 4.11
CA ALA A 353 19.57 6.24 3.66
C ALA A 353 19.35 6.19 2.15
N GLY A 354 19.77 7.23 1.46
CA GLY A 354 19.62 7.28 0.02
C GLY A 354 18.24 7.68 -0.45
N PHE A 355 17.56 8.50 0.35
CA PHE A 355 16.23 8.99 0.03
C PHE A 355 15.15 7.97 -0.32
N PRO A 356 14.82 7.05 0.60
CA PRO A 356 13.76 6.12 0.20
C PRO A 356 12.39 6.78 0.38
N PRO A 357 11.36 6.25 -0.30
CA PRO A 357 10.02 6.80 -0.17
C PRO A 357 9.64 6.58 1.29
N LEU A 358 9.03 7.58 1.93
CA LEU A 358 8.64 7.45 3.34
C LEU A 358 7.28 6.79 3.54
N VAL A 359 7.25 5.49 3.27
CA VAL A 359 6.07 4.65 3.42
C VAL A 359 6.52 3.47 4.30
N THR A 360 5.58 2.75 4.88
CA THR A 360 5.92 1.60 5.70
C THR A 360 6.67 0.62 4.80
N PRO A 361 7.79 0.03 5.30
CA PRO A 361 8.47 0.16 6.59
C PRO A 361 9.41 1.34 6.67
N SER A 362 9.96 1.73 5.52
CA SER A 362 10.91 2.83 5.44
C SER A 362 10.59 3.97 6.43
N SER A 363 9.35 4.46 6.42
CA SER A 363 8.98 5.54 7.31
C SER A 363 9.29 5.26 8.78
N GLN A 364 8.77 4.15 9.31
CA GLN A 364 9.01 3.80 10.70
C GLN A 364 10.51 3.78 10.98
N ILE A 365 11.25 3.05 10.15
CA ILE A 365 12.70 2.93 10.32
C ILE A 365 13.40 4.31 10.43
N VAL A 366 13.16 5.19 9.48
CA VAL A 366 13.77 6.52 9.50
C VAL A 366 13.26 7.33 10.68
N GLY A 367 11.98 7.19 11.00
CA GLY A 367 11.42 7.93 12.11
C GLY A 367 12.14 7.58 13.41
N THR A 368 12.04 6.31 13.80
CA THR A 368 12.69 5.87 15.02
C THR A 368 14.15 6.26 15.07
N GLN A 369 14.88 6.06 13.98
CA GLN A 369 16.29 6.40 13.95
C GLN A 369 16.55 7.88 14.17
N ALA A 370 15.64 8.71 13.68
CA ALA A 370 15.77 10.16 13.84
C ALA A 370 15.70 10.47 15.32
N VAL A 371 14.74 9.85 16.01
CA VAL A 371 14.59 10.05 17.44
C VAL A 371 15.89 9.76 18.18
N PHE A 372 16.56 8.66 17.83
CA PHE A 372 17.81 8.30 18.48
C PHE A 372 18.90 9.34 18.33
N ASN A 373 19.10 9.81 17.11
CA ASN A 373 20.14 10.81 16.85
C ASN A 373 19.90 12.11 17.61
N VAL A 374 18.65 12.35 17.97
CA VAL A 374 18.30 13.56 18.69
C VAL A 374 18.65 13.40 20.16
N MET A 375 18.38 12.21 20.67
CA MET A 375 18.65 11.89 22.07
C MET A 375 20.10 11.47 22.30
N MET A 376 20.34 10.17 22.12
CA MET A 376 21.66 9.57 22.32
C MET A 376 22.74 10.13 21.40
N GLY A 377 22.36 11.07 20.55
CA GLY A 377 23.35 11.66 19.65
C GLY A 377 23.36 11.02 18.28
N GLU A 378 23.90 11.76 17.32
CA GLU A 378 24.00 11.31 15.94
C GLU A 378 24.50 9.88 15.81
N TYR A 379 23.63 9.01 15.30
CA TYR A 379 23.93 7.60 15.08
C TYR A 379 24.79 6.96 16.15
N LYS A 380 24.69 7.43 17.39
CA LYS A 380 25.48 6.84 18.46
C LYS A 380 25.03 5.40 18.66
N ARG A 381 23.77 5.16 18.31
CA ARG A 381 23.18 3.83 18.43
C ARG A 381 22.10 3.65 17.36
N MET A 382 22.35 2.76 16.42
CA MET A 382 21.40 2.49 15.34
C MET A 382 20.55 1.26 15.62
N THR A 383 19.27 1.34 15.28
CA THR A 383 18.38 0.20 15.46
C THR A 383 18.87 -0.88 14.49
N GLY A 384 18.39 -2.11 14.66
CA GLY A 384 18.81 -3.17 13.77
C GLY A 384 18.20 -2.97 12.40
N GLU A 385 16.97 -2.46 12.38
CA GLU A 385 16.27 -2.21 11.14
C GLU A 385 17.00 -1.12 10.37
N PHE A 386 17.37 -0.05 11.06
CA PHE A 386 18.07 1.02 10.36
C PHE A 386 19.39 0.54 9.81
N ALA A 387 20.09 -0.26 10.61
CA ALA A 387 21.38 -0.78 10.18
C ALA A 387 21.16 -1.61 8.93
N ASP A 388 20.11 -2.42 8.92
CA ASP A 388 19.82 -3.25 7.77
C ASP A 388 19.58 -2.44 6.50
N ILE A 389 19.01 -1.24 6.66
CA ILE A 389 18.75 -0.37 5.52
C ILE A 389 20.06 0.18 4.97
N MET A 390 20.91 0.67 5.85
CA MET A 390 22.20 1.22 5.44
C MET A 390 23.09 0.13 4.84
N LEU A 391 22.96 -1.07 5.38
CA LEU A 391 23.77 -2.20 4.91
C LEU A 391 23.25 -2.87 3.63
N GLY A 392 22.06 -2.49 3.20
CA GLY A 392 21.49 -3.05 1.97
C GLY A 392 20.54 -4.24 2.06
N TYR A 393 20.21 -4.68 3.27
CA TYR A 393 19.34 -5.83 3.42
C TYR A 393 17.87 -5.60 3.06
N TYR A 394 17.52 -4.35 2.77
CA TYR A 394 16.17 -4.05 2.35
C TYR A 394 16.22 -3.78 0.86
N GLY A 395 17.45 -3.78 0.32
CA GLY A 395 17.66 -3.56 -1.09
C GLY A 395 18.39 -2.29 -1.43
N ALA A 396 18.31 -1.89 -2.69
CA ALA A 396 18.95 -0.67 -3.18
C ALA A 396 18.09 0.55 -2.89
N SER A 397 18.75 1.69 -2.63
CA SER A 397 18.05 2.92 -2.37
C SER A 397 17.98 3.75 -3.64
N PRO A 398 17.06 4.72 -3.70
CA PRO A 398 16.95 5.54 -4.91
C PRO A 398 18.27 6.23 -5.19
N ALA A 399 18.95 6.67 -4.14
CA ALA A 399 20.24 7.32 -4.29
C ALA A 399 21.27 6.54 -3.49
N ASP A 400 22.55 6.85 -3.69
CA ASP A 400 23.59 6.15 -2.95
C ASP A 400 23.60 6.63 -1.50
N ARG A 401 23.77 5.69 -0.58
CA ARG A 401 23.77 5.99 0.85
C ARG A 401 25.09 6.57 1.34
N ASP A 402 25.03 7.38 2.41
CA ASP A 402 26.21 8.00 2.99
C ASP A 402 27.20 6.89 3.40
N PRO A 403 28.30 6.73 2.65
CA PRO A 403 29.30 5.70 2.96
C PRO A 403 29.80 5.73 4.40
N LYS A 404 29.78 6.91 5.01
CA LYS A 404 30.22 7.04 6.38
C LYS A 404 29.23 6.39 7.31
N VAL A 405 27.95 6.72 7.14
CA VAL A 405 26.90 6.13 7.97
C VAL A 405 26.78 4.64 7.70
N VAL A 406 27.10 4.21 6.49
CA VAL A 406 27.06 2.81 6.12
C VAL A 406 28.11 2.07 6.94
N LYS A 407 29.32 2.62 6.92
CA LYS A 407 30.44 2.06 7.65
C LYS A 407 30.06 1.88 9.11
N LEU A 408 29.62 2.95 9.75
CA LEU A 408 29.22 2.90 11.16
C LEU A 408 28.31 1.71 11.39
N ALA A 409 27.27 1.60 10.57
CA ALA A 409 26.31 0.51 10.67
C ALA A 409 27.05 -0.80 10.70
N GLU A 410 27.99 -0.97 9.76
CA GLU A 410 28.77 -2.18 9.68
C GLU A 410 29.57 -2.42 10.96
N GLU A 411 29.97 -1.33 11.61
CA GLU A 411 30.77 -1.42 12.82
C GLU A 411 29.92 -1.54 14.08
N GLN A 412 28.60 -1.47 13.93
CA GLN A 412 27.71 -1.57 15.08
C GLN A 412 26.84 -2.79 14.99
N SER A 413 27.00 -3.57 13.93
CA SER A 413 26.18 -4.77 13.76
C SER A 413 27.03 -5.96 13.33
N GLY A 414 28.26 -5.69 12.92
CA GLY A 414 29.11 -6.78 12.48
C GLY A 414 28.60 -7.42 11.21
N LYS A 415 27.62 -6.77 10.57
CA LYS A 415 27.07 -7.27 9.31
C LYS A 415 27.88 -6.66 8.17
N LYS A 416 28.01 -7.42 7.09
CA LYS A 416 28.77 -6.94 5.94
C LYS A 416 27.80 -6.31 4.94
N PRO A 417 28.19 -5.18 4.34
CA PRO A 417 27.32 -4.54 3.36
C PRO A 417 27.03 -5.44 2.16
N ILE A 418 25.80 -5.36 1.64
CA ILE A 418 25.42 -6.13 0.47
C ILE A 418 24.77 -5.16 -0.49
N THR A 419 24.77 -5.50 -1.77
CA THR A 419 24.20 -4.63 -2.76
C THR A 419 23.35 -5.40 -3.74
N GLN A 420 23.29 -6.71 -3.57
CA GLN A 420 22.49 -7.56 -4.44
C GLN A 420 21.13 -7.82 -3.80
N ARG A 421 20.17 -8.25 -4.61
CA ARG A 421 18.83 -8.57 -4.12
C ARG A 421 18.95 -9.38 -2.83
N PRO A 422 18.45 -8.86 -1.72
CA PRO A 422 18.52 -9.56 -0.44
C PRO A 422 18.00 -11.00 -0.44
N ALA A 423 17.11 -11.32 -1.37
CA ALA A 423 16.55 -12.66 -1.41
C ALA A 423 17.52 -13.67 -1.99
N ASP A 424 18.56 -13.19 -2.66
CA ASP A 424 19.55 -14.09 -3.23
C ASP A 424 20.25 -14.88 -2.12
N LEU A 425 20.29 -14.31 -0.92
CA LEU A 425 20.97 -14.96 0.19
C LEU A 425 20.05 -15.87 1.01
N LEU A 426 18.75 -15.73 0.83
CA LEU A 426 17.81 -16.53 1.60
C LEU A 426 17.69 -17.99 1.14
N PRO A 427 17.76 -18.92 2.09
CA PRO A 427 17.67 -20.36 1.85
C PRO A 427 16.23 -20.85 1.79
N PRO A 428 16.01 -22.03 1.19
CA PRO A 428 14.66 -22.59 1.09
C PRO A 428 14.12 -22.70 2.51
N GLU A 429 12.83 -22.45 2.68
CA GLU A 429 12.23 -22.48 4.00
C GLU A 429 10.86 -23.13 4.08
N TRP A 430 10.24 -23.40 2.93
CA TRP A 430 8.91 -23.99 2.96
C TRP A 430 8.81 -25.23 3.84
N GLU A 431 9.67 -26.21 3.58
CA GLU A 431 9.65 -27.44 4.35
C GLU A 431 9.74 -27.14 5.84
N LYS A 432 10.62 -26.23 6.22
CA LYS A 432 10.77 -25.85 7.61
C LYS A 432 9.47 -25.24 8.14
N GLN A 433 8.95 -24.24 7.42
CA GLN A 433 7.72 -23.58 7.82
C GLN A 433 6.57 -24.58 7.93
N SER A 434 6.48 -25.48 6.96
CA SER A 434 5.43 -26.51 6.97
C SER A 434 5.44 -27.34 8.23
N LYS A 435 6.60 -27.92 8.54
CA LYS A 435 6.72 -28.76 9.71
C LYS A 435 6.31 -28.01 10.98
N GLU A 436 6.76 -26.77 11.11
CA GLU A 436 6.44 -25.96 12.28
C GLU A 436 4.97 -25.60 12.40
N ALA A 437 4.33 -25.33 11.27
CA ALA A 437 2.92 -24.96 11.29
C ALA A 437 2.04 -26.16 11.67
N ALA A 438 2.46 -27.35 11.29
CA ALA A 438 1.69 -28.56 11.57
C ALA A 438 1.68 -28.98 13.03
N THR A 439 2.47 -28.30 13.87
CA THR A 439 2.51 -28.61 15.30
C THR A 439 1.55 -27.74 16.11
N LEU A 440 0.92 -26.76 15.45
CA LEU A 440 0.00 -25.84 16.12
C LEU A 440 -1.44 -26.32 16.18
N LYS A 441 -2.05 -26.16 17.34
CA LYS A 441 -3.45 -26.53 17.52
C LYS A 441 -4.31 -25.65 16.61
N GLY A 442 -5.16 -26.27 15.80
CA GLY A 442 -6.02 -25.52 14.91
C GLY A 442 -5.61 -25.52 13.45
N PHE A 443 -4.33 -25.79 13.21
CA PHE A 443 -3.78 -25.84 11.86
C PHE A 443 -4.63 -26.77 11.00
N ASN A 444 -5.01 -26.35 9.80
CA ASN A 444 -5.85 -27.20 8.95
C ASN A 444 -5.17 -27.98 7.83
N GLY A 445 -3.84 -27.95 7.78
CA GLY A 445 -3.15 -28.71 6.76
C GLY A 445 -2.87 -28.04 5.42
N THR A 446 -3.62 -26.99 5.11
CA THR A 446 -3.46 -26.27 3.85
C THR A 446 -2.23 -25.38 3.78
N ASP A 447 -1.71 -25.17 2.58
CA ASP A 447 -0.56 -24.30 2.40
C ASP A 447 -1.01 -22.93 2.88
N GLU A 448 -2.25 -22.59 2.59
CA GLU A 448 -2.81 -21.32 3.03
C GLU A 448 -2.43 -21.10 4.51
N ASP A 449 -2.68 -22.10 5.34
CA ASP A 449 -2.36 -21.99 6.75
C ASP A 449 -0.85 -21.90 6.98
N VAL A 450 -0.08 -22.70 6.26
CA VAL A 450 1.38 -22.62 6.41
C VAL A 450 1.81 -21.18 6.09
N LEU A 451 1.23 -20.59 5.05
CA LEU A 451 1.57 -19.22 4.68
C LEU A 451 1.21 -18.25 5.81
N THR A 452 0.08 -18.47 6.44
CA THR A 452 -0.31 -17.61 7.53
C THR A 452 0.74 -17.64 8.64
N TYR A 453 1.27 -18.82 8.92
CA TYR A 453 2.29 -18.99 9.95
C TYR A 453 3.61 -18.34 9.54
N ALA A 454 3.97 -18.52 8.27
CA ALA A 454 5.21 -17.98 7.74
C ALA A 454 5.17 -16.45 7.70
N LEU A 455 4.00 -15.90 7.42
CA LEU A 455 3.87 -14.46 7.36
C LEU A 455 3.70 -13.89 8.78
N PHE A 456 3.06 -14.66 9.67
CA PHE A 456 2.83 -14.21 11.04
C PHE A 456 3.07 -15.26 12.11
N PRO A 457 4.33 -15.61 12.33
CA PRO A 457 4.71 -16.61 13.33
C PRO A 457 4.08 -16.34 14.69
N GLN A 458 4.11 -15.09 15.11
CA GLN A 458 3.59 -14.70 16.42
C GLN A 458 2.09 -14.71 16.57
N VAL A 459 1.36 -14.57 15.48
CA VAL A 459 -0.08 -14.54 15.57
C VAL A 459 -0.72 -15.87 15.19
N ALA A 460 -0.20 -16.51 14.16
CA ALA A 460 -0.73 -17.77 13.69
C ALA A 460 -1.17 -18.75 14.79
N PRO A 461 -0.36 -18.91 15.84
CA PRO A 461 -0.76 -19.84 16.90
C PRO A 461 -2.10 -19.46 17.53
N VAL A 462 -2.22 -18.21 17.97
CA VAL A 462 -3.43 -17.71 18.60
C VAL A 462 -4.62 -17.80 17.65
N PHE A 463 -4.41 -17.37 16.41
CA PHE A 463 -5.48 -17.39 15.43
C PHE A 463 -5.98 -18.80 15.21
N PHE A 464 -5.05 -19.72 14.93
CA PHE A 464 -5.42 -21.11 14.68
C PHE A 464 -6.26 -21.70 15.80
N GLU A 465 -5.97 -21.30 17.02
CA GLU A 465 -6.69 -21.82 18.15
C GLU A 465 -8.10 -21.26 18.27
N HIS A 466 -8.30 -20.01 17.86
CA HIS A 466 -9.62 -19.37 17.97
C HIS A 466 -10.47 -19.31 16.70
N ARG A 467 -9.86 -19.53 15.54
CA ARG A 467 -10.60 -19.45 14.29
C ARG A 467 -11.99 -20.07 14.28
N ALA A 468 -12.13 -21.24 14.89
CA ALA A 468 -13.42 -21.92 14.90
C ALA A 468 -14.54 -21.08 15.51
N GLU A 469 -14.18 -20.04 16.28
CA GLU A 469 -15.18 -19.18 16.88
C GLU A 469 -15.86 -18.31 15.82
N GLY A 470 -15.20 -18.16 14.68
CA GLY A 470 -15.75 -17.35 13.60
C GLY A 470 -15.26 -15.91 13.67
N PRO A 471 -15.28 -15.18 12.55
CA PRO A 471 -14.82 -13.81 12.59
C PRO A 471 -15.66 -12.91 13.48
N HIS A 472 -14.99 -11.94 14.10
CA HIS A 472 -15.65 -11.00 14.98
C HIS A 472 -15.52 -9.57 14.45
N SER A 473 -15.98 -8.62 15.26
CA SER A 473 -15.93 -7.22 14.90
C SER A 473 -15.52 -6.46 16.14
N VAL A 474 -14.69 -5.45 15.95
CA VAL A 474 -14.23 -4.65 17.07
C VAL A 474 -14.86 -3.27 16.96
N ALA A 475 -15.91 -3.20 16.15
CA ALA A 475 -16.64 -1.95 15.93
C ALA A 475 -17.79 -1.89 16.91
N LEU A 476 -18.30 -0.69 17.15
CA LEU A 476 -19.41 -0.51 18.06
C LEU A 476 -20.62 -1.23 17.48
N THR A 477 -21.54 -1.62 18.35
CA THR A 477 -22.75 -2.31 17.93
C THR A 477 -23.82 -1.25 17.76
N ASP A 478 -24.95 -1.63 17.19
CA ASP A 478 -26.04 -0.69 17.00
C ASP A 478 -26.39 -0.21 18.41
N ALA A 479 -26.49 -1.17 19.32
CA ALA A 479 -26.80 -0.89 20.71
C ALA A 479 -25.85 0.16 21.23
N GLN A 480 -24.55 -0.11 21.12
CA GLN A 480 -23.54 0.80 21.59
C GLN A 480 -23.61 2.20 20.99
N LEU A 481 -24.07 2.30 19.76
CA LEU A 481 -24.20 3.60 19.11
C LEU A 481 -25.27 4.45 19.77
N LYS A 482 -26.46 3.87 19.94
CA LYS A 482 -27.56 4.57 20.58
C LYS A 482 -27.23 4.87 22.04
N ALA A 483 -26.68 3.87 22.72
CA ALA A 483 -26.31 3.99 24.13
C ALA A 483 -25.31 5.11 24.39
N GLU A 484 -24.78 5.68 23.31
CA GLU A 484 -23.80 6.76 23.41
C GLU A 484 -24.51 8.07 23.10
N ALA A 485 -25.17 8.11 21.94
CA ALA A 485 -25.91 9.28 21.50
C ALA A 485 -27.22 9.44 22.27
#